data_4O1V
#
_entry.id   4O1V
#
_cell.length_a   60.500
_cell.length_b   56.158
_cell.length_c   42.611
_cell.angle_alpha   90.00
_cell.angle_beta   97.70
_cell.angle_gamma   90.00
#
_symmetry.space_group_name_H-M   'C 1 2 1'
#
loop_
_entity.id
_entity.type
_entity.pdbx_description
1 polymer 'Speckle-type POZ protein'
2 polymer 'Phosphatidylinositol 3,4,5-trisphosphate 3-phosphatase and dual-specificity protein phosphatase PTEN'
3 water water
#
loop_
_entity_poly.entity_id
_entity_poly.type
_entity_poly.pdbx_seq_one_letter_code
_entity_poly.pdbx_strand_id
1 'polypeptide(L)'
;GSGGSGKVVKFSYMWTINNFSFCREEMGEVIKSSTFSSGANDKLKWCLRVNPKGLDEESKDYLSLYLLLVSCPKSEVRAK
FKFSILNAKGEETKAMESQRAYRFVQGKDWGFKKFIRRDFLLDEANGLLPDDKLTLFCEVSVVQD
;
A
2 'polypeptide(L)' PSNPEASSSTSVTPD B
#
# COMPACT_ATOMS: atom_id res chain seq x y z
N SER A 5 -24.75 -15.44 5.13
CA SER A 5 -24.27 -14.54 4.04
C SER A 5 -23.82 -13.18 4.58
N GLY A 6 -22.58 -13.12 5.08
CA GLY A 6 -22.01 -11.92 5.68
C GLY A 6 -20.53 -11.73 5.36
N LYS A 7 -20.15 -10.52 4.98
CA LYS A 7 -18.79 -10.22 4.50
C LYS A 7 -18.27 -8.88 5.01
N VAL A 8 -16.98 -8.85 5.36
CA VAL A 8 -16.25 -7.58 5.51
C VAL A 8 -15.94 -7.08 4.10
N VAL A 9 -16.67 -6.05 3.66
CA VAL A 9 -16.56 -5.54 2.28
C VAL A 9 -15.70 -4.28 2.12
N LYS A 10 -15.43 -3.60 3.23
CA LYS A 10 -14.58 -2.41 3.25
C LYS A 10 -13.69 -2.52 4.46
N PHE A 11 -12.42 -2.14 4.30
CA PHE A 11 -11.48 -2.21 5.42
C PHE A 11 -10.30 -1.24 5.25
N SER A 12 -9.82 -0.72 6.39
CA SER A 12 -8.68 0.21 6.45
C SER A 12 -7.55 -0.35 7.31
N TYR A 13 -6.39 -0.50 6.67
CA TYR A 13 -5.21 -1.06 7.30
C TYR A 13 -4.19 0.06 7.51
N MET A 14 -3.70 0.15 8.74
CA MET A 14 -2.77 1.19 9.16
C MET A 14 -1.44 0.53 9.54
N TRP A 15 -0.37 0.97 8.89
CA TRP A 15 0.93 0.33 9.00
C TRP A 15 2.00 1.38 9.33
N THR A 16 2.68 1.19 10.46
CA THR A 16 3.75 2.09 10.89
C THR A 16 5.11 1.42 10.73
N ILE A 17 5.97 2.02 9.90
CA ILE A 17 7.34 1.58 9.76
C ILE A 17 8.24 2.51 10.56
N ASN A 18 8.80 1.98 11.64
CA ASN A 18 9.62 2.75 12.56
C ASN A 18 10.99 3.04 11.94
N ASN A 19 11.57 4.17 12.35
CA ASN A 19 12.90 4.60 11.88
C ASN A 19 13.04 4.50 10.36
N PHE A 20 12.08 5.08 9.65
CA PHE A 20 12.00 4.93 8.19
C PHE A 20 13.24 5.40 7.44
N SER A 21 13.78 6.56 7.81
CA SER A 21 14.95 7.13 7.13
C SER A 21 16.17 6.21 7.17
N PHE A 22 16.19 5.30 8.14
CA PHE A 22 17.28 4.34 8.28
C PHE A 22 16.99 2.95 7.70
N CYS A 23 15.89 2.82 6.95
CA CYS A 23 15.61 1.59 6.21
C CYS A 23 16.74 1.28 5.24
N ARG A 24 17.23 0.05 5.24
CA ARG A 24 18.40 -0.32 4.43
C ARG A 24 18.06 -0.82 3.03
N GLU A 25 16.76 -0.96 2.74
CA GLU A 25 16.29 -1.47 1.44
C GLU A 25 16.75 -0.63 0.26
N GLU A 26 17.44 -1.27 -0.68
CA GLU A 26 17.85 -0.64 -1.93
C GLU A 26 16.75 -0.80 -2.99
N MET A 27 16.98 -0.23 -4.17
CA MET A 27 16.05 -0.32 -5.31
C MET A 27 15.65 -1.77 -5.63
N GLY A 28 14.34 -2.00 -5.69
CA GLY A 28 13.81 -3.33 -6.02
C GLY A 28 13.47 -4.19 -4.82
N GLU A 29 14.15 -3.93 -3.70
CA GLU A 29 13.90 -4.65 -2.45
C GLU A 29 12.61 -4.20 -1.79
N VAL A 30 11.88 -5.15 -1.20
CA VAL A 30 10.56 -4.90 -0.64
C VAL A 30 10.53 -4.94 0.89
N ILE A 31 9.68 -4.13 1.49
CA ILE A 31 9.25 -4.34 2.87
C ILE A 31 7.81 -4.84 2.79
N LYS A 32 7.51 -5.92 3.50
CA LYS A 32 6.21 -6.56 3.44
C LYS A 32 5.48 -6.43 4.78
N SER A 33 4.20 -6.01 4.74
CA SER A 33 3.42 -5.90 5.97
C SER A 33 2.97 -7.27 6.46
N SER A 34 2.32 -7.29 7.62
CA SER A 34 1.64 -8.49 8.09
C SER A 34 0.43 -8.75 7.19
N THR A 35 -0.07 -9.97 7.22
CA THR A 35 -1.26 -10.34 6.46
C THR A 35 -2.52 -9.90 7.22
N PHE A 36 -3.50 -9.35 6.48
CA PHE A 36 -4.80 -8.99 7.06
C PHE A 36 -5.95 -9.58 6.20
N SER A 37 -7.12 -9.72 6.81
CA SER A 37 -8.22 -10.52 6.22
C SER A 37 -9.47 -9.71 5.93
N SER A 38 -10.32 -10.25 5.05
CA SER A 38 -11.64 -9.68 4.77
C SER A 38 -12.52 -10.73 4.10
N GLY A 39 -13.70 -10.31 3.65
CA GLY A 39 -14.62 -11.18 2.94
C GLY A 39 -15.44 -12.02 3.90
N ALA A 40 -15.87 -13.18 3.44
CA ALA A 40 -16.65 -14.11 4.26
C ALA A 40 -15.73 -15.05 4.99
N ASN A 41 -15.81 -15.04 6.33
CA ASN A 41 -15.05 -15.97 7.18
C ASN A 41 -13.53 -15.80 7.00
N ASP A 42 -13.09 -14.54 6.89
CA ASP A 42 -11.68 -14.18 6.73
C ASP A 42 -11.01 -14.87 5.52
N LYS A 43 -11.81 -15.19 4.52
CA LYS A 43 -11.35 -15.97 3.37
C LYS A 43 -10.48 -15.18 2.38
N LEU A 44 -10.48 -13.85 2.48
CA LEU A 44 -9.57 -13.04 1.67
C LEU A 44 -8.38 -12.59 2.51
N LYS A 45 -7.17 -12.87 2.04
CA LYS A 45 -5.94 -12.48 2.73
C LYS A 45 -5.15 -11.49 1.88
N TRP A 46 -4.69 -10.42 2.52
CA TRP A 46 -4.00 -9.31 1.87
C TRP A 46 -2.72 -8.99 2.61
N CYS A 47 -1.83 -8.23 1.95
CA CYS A 47 -0.73 -7.54 2.64
C CYS A 47 -0.27 -6.33 1.81
N LEU A 48 0.53 -5.47 2.43
CA LEU A 48 1.12 -4.33 1.72
C LEU A 48 2.59 -4.58 1.43
N ARG A 49 3.04 -4.04 0.30
CA ARG A 49 4.43 -4.11 -0.10
C ARG A 49 4.90 -2.71 -0.44
N VAL A 50 6.03 -2.33 0.14
CA VAL A 50 6.61 -1.02 -0.16
C VAL A 50 8.06 -1.15 -0.63
N ASN A 51 8.39 -0.43 -1.70
CA ASN A 51 9.77 -0.23 -2.12
C ASN A 51 10.21 1.16 -1.67
N PRO A 52 10.97 1.25 -0.56
CA PRO A 52 11.41 2.52 0.00
C PRO A 52 12.24 3.37 -0.97
N LYS A 53 12.95 2.71 -1.88
CA LYS A 53 13.79 3.38 -2.86
C LYS A 53 13.36 3.08 -4.29
N GLY A 54 12.06 2.81 -4.48
CA GLY A 54 11.49 2.60 -5.80
C GLY A 54 11.58 1.17 -6.30
N LEU A 55 10.70 0.84 -7.24
CA LEU A 55 10.66 -0.49 -7.85
C LEU A 55 11.79 -0.68 -8.86
N ASP A 56 11.96 0.30 -9.75
CA ASP A 56 12.93 0.21 -10.84
C ASP A 56 13.68 1.54 -11.07
N GLU A 57 14.34 1.64 -12.23
CA GLU A 57 15.11 2.82 -12.63
C GLU A 57 14.27 4.08 -12.79
N GLU A 58 13.07 3.91 -13.37
CA GLU A 58 12.11 5.00 -13.55
C GLU A 58 11.61 5.59 -12.22
N SER A 59 11.46 4.74 -11.21
CA SER A 59 10.88 5.13 -9.93
C SER A 59 11.94 5.33 -8.82
N LYS A 60 13.19 5.51 -9.24
CA LYS A 60 14.32 5.67 -8.34
C LYS A 60 14.12 6.81 -7.32
N ASP A 61 13.46 7.88 -7.74
CA ASP A 61 13.22 9.02 -6.88
C ASP A 61 12.01 8.85 -5.96
N TYR A 62 11.36 7.69 -6.02
CA TYR A 62 10.06 7.49 -5.40
C TYR A 62 10.00 6.34 -4.41
N LEU A 63 9.05 6.43 -3.49
CA LEU A 63 8.61 5.26 -2.75
C LEU A 63 7.50 4.61 -3.60
N SER A 64 7.62 3.30 -3.81
CA SER A 64 6.60 2.52 -4.53
C SER A 64 5.76 1.71 -3.54
N LEU A 65 4.46 1.67 -3.75
CA LEU A 65 3.53 1.09 -2.77
C LEU A 65 2.41 0.27 -3.42
N TYR A 66 2.20 -0.95 -2.91
CA TYR A 66 1.30 -1.94 -3.53
C TYR A 66 0.46 -2.70 -2.52
N LEU A 67 -0.74 -3.09 -2.96
CA LEU A 67 -1.61 -4.00 -2.21
C LEU A 67 -1.56 -5.36 -2.91
N LEU A 68 -1.26 -6.41 -2.16
CA LEU A 68 -1.09 -7.76 -2.70
C LEU A 68 -2.20 -8.67 -2.18
N LEU A 69 -2.90 -9.35 -3.09
CA LEU A 69 -3.82 -10.40 -2.70
C LEU A 69 -3.02 -11.69 -2.49
N VAL A 70 -3.04 -12.16 -1.25
CA VAL A 70 -2.29 -13.34 -0.85
C VAL A 70 -3.10 -14.61 -1.09
N SER A 71 -4.38 -14.58 -0.71
CA SER A 71 -5.22 -15.76 -0.79
C SER A 71 -6.68 -15.35 -1.05
N CYS A 72 -7.36 -16.13 -1.89
CA CYS A 72 -8.81 -15.99 -2.11
C CYS A 72 -9.45 -17.35 -2.41
N PRO A 73 -10.74 -17.54 -2.08
CA PRO A 73 -11.38 -18.85 -2.25
C PRO A 73 -11.65 -19.24 -3.71
N LYS A 74 -11.85 -18.24 -4.58
CA LYS A 74 -12.09 -18.49 -5.99
C LYS A 74 -10.87 -18.14 -6.87
N SER A 75 -11.10 -17.70 -8.11
CA SER A 75 -10.01 -17.39 -9.03
C SER A 75 -9.45 -15.98 -8.83
N GLU A 76 -10.35 -15.03 -8.53
CA GLU A 76 -9.98 -13.63 -8.48
C GLU A 76 -10.88 -12.84 -7.53
N VAL A 77 -10.45 -11.61 -7.23
CA VAL A 77 -11.30 -10.61 -6.59
C VAL A 77 -11.07 -9.24 -7.25
N ARG A 78 -12.14 -8.47 -7.40
CA ARG A 78 -12.03 -7.12 -7.94
C ARG A 78 -12.21 -6.13 -6.80
N ALA A 79 -11.27 -5.19 -6.68
CA ALA A 79 -11.29 -4.24 -5.57
C ALA A 79 -10.75 -2.85 -5.93
N LYS A 80 -11.38 -1.82 -5.37
CA LYS A 80 -10.81 -0.46 -5.35
C LYS A 80 -9.93 -0.27 -4.11
N PHE A 81 -8.92 0.59 -4.23
CA PHE A 81 -8.00 0.86 -3.13
C PHE A 81 -7.54 2.32 -3.12
N LYS A 82 -7.27 2.83 -1.91
CA LYS A 82 -6.74 4.18 -1.71
C LYS A 82 -5.58 4.10 -0.72
N PHE A 83 -4.44 4.68 -1.10
CA PHE A 83 -3.29 4.77 -0.21
C PHE A 83 -3.09 6.23 0.21
N SER A 84 -2.76 6.45 1.48
CA SER A 84 -2.39 7.77 1.98
C SER A 84 -1.37 7.68 3.11
N ILE A 85 -0.85 8.84 3.53
CA ILE A 85 0.12 8.93 4.61
C ILE A 85 -0.53 9.70 5.76
N LEU A 86 -0.34 9.22 6.97
CA LEU A 86 -0.85 9.93 8.14
C LEU A 86 0.25 10.81 8.71
N ASN A 87 -0.06 12.11 8.81
CA ASN A 87 0.88 13.08 9.36
C ASN A 87 0.93 13.03 10.89
N ALA A 88 1.64 13.98 11.48
CA ALA A 88 1.81 14.04 12.94
C ALA A 88 0.50 14.21 13.71
N LYS A 89 -0.47 14.86 13.09
CA LYS A 89 -1.80 15.06 13.70
C LYS A 89 -2.73 13.85 13.48
N GLY A 90 -2.26 12.86 12.74
CA GLY A 90 -3.04 11.65 12.47
C GLY A 90 -3.96 11.81 11.26
N GLU A 91 -3.80 12.93 10.57
CA GLU A 91 -4.63 13.27 9.42
C GLU A 91 -4.06 12.71 8.12
N GLU A 92 -4.95 12.33 7.21
CA GLU A 92 -4.56 11.81 5.90
C GLU A 92 -3.94 12.88 5.01
N THR A 93 -2.90 12.49 4.28
CA THR A 93 -2.27 13.38 3.32
C THR A 93 -1.63 12.56 2.19
N LYS A 94 -1.37 13.23 1.06
CA LYS A 94 -0.73 12.62 -0.11
C LYS A 94 -1.48 11.37 -0.59
N ALA A 95 -2.80 11.46 -0.58
CA ALA A 95 -3.67 10.36 -1.00
C ALA A 95 -3.60 10.11 -2.50
N MET A 96 -3.67 8.83 -2.88
CA MET A 96 -3.83 8.38 -4.26
C MET A 96 -4.82 7.22 -4.24
N GLU A 97 -5.81 7.27 -5.11
CA GLU A 97 -6.78 6.16 -5.20
C GLU A 97 -6.92 5.59 -6.61
N SER A 98 -7.24 4.30 -6.67
CA SER A 98 -7.41 3.60 -7.93
C SER A 98 -8.57 4.23 -8.68
N GLN A 99 -8.46 4.34 -10.00
CA GLN A 99 -9.49 4.99 -10.81
C GLN A 99 -10.74 4.12 -10.98
N ARG A 100 -10.62 2.85 -10.61
CA ARG A 100 -11.67 1.86 -10.78
C ARG A 100 -11.24 0.63 -9.97
N ALA A 101 -12.05 -0.43 -10.01
CA ALA A 101 -11.71 -1.70 -9.39
C ALA A 101 -10.68 -2.43 -10.25
N TYR A 102 -9.73 -3.09 -9.61
CA TYR A 102 -8.72 -3.88 -10.32
C TYR A 102 -8.84 -5.38 -10.04
N ARG A 103 -8.46 -6.21 -11.01
CA ARG A 103 -8.51 -7.67 -10.88
C ARG A 103 -7.30 -8.22 -10.14
N PHE A 104 -7.53 -8.73 -8.93
CA PHE A 104 -6.48 -9.37 -8.15
C PHE A 104 -6.59 -10.89 -8.24
N VAL A 105 -5.46 -11.56 -8.40
CA VAL A 105 -5.39 -13.01 -8.18
C VAL A 105 -4.31 -13.28 -7.16
N GLN A 106 -4.25 -14.52 -6.64
CA GLN A 106 -3.24 -14.90 -5.66
C GLN A 106 -1.84 -14.62 -6.18
N GLY A 107 -1.10 -13.84 -5.41
CA GLY A 107 0.26 -13.51 -5.77
C GLY A 107 0.39 -12.28 -6.63
N LYS A 108 -0.74 -11.66 -6.97
CA LYS A 108 -0.70 -10.42 -7.74
C LYS A 108 -0.94 -9.18 -6.89
N ASP A 109 -0.19 -8.13 -7.20
CA ASP A 109 -0.41 -6.85 -6.54
C ASP A 109 -0.85 -5.73 -7.51
N TRP A 110 -1.42 -4.68 -6.94
CA TRP A 110 -1.72 -3.43 -7.65
C TRP A 110 -1.36 -2.27 -6.74
N GLY A 111 -0.86 -1.19 -7.32
CA GLY A 111 -0.52 0.01 -6.53
C GLY A 111 0.07 1.11 -7.36
N PHE A 112 0.87 1.96 -6.71
CA PHE A 112 1.42 3.12 -7.40
C PHE A 112 2.94 3.08 -7.31
N LYS A 113 3.57 2.93 -8.47
CA LYS A 113 5.03 2.84 -8.57
C LYS A 113 5.70 4.14 -8.13
N LYS A 114 5.04 5.26 -8.42
CA LYS A 114 5.55 6.57 -8.06
C LYS A 114 4.60 7.23 -7.05
N PHE A 115 4.39 6.55 -5.92
CA PHE A 115 3.44 7.00 -4.91
C PHE A 115 3.81 8.36 -4.32
N ILE A 116 5.05 8.50 -3.88
CA ILE A 116 5.54 9.76 -3.31
C ILE A 116 7.04 9.92 -3.54
N ARG A 117 7.47 11.16 -3.80
CA ARG A 117 8.89 11.49 -3.90
C ARG A 117 9.60 11.28 -2.57
N ARG A 118 10.70 10.54 -2.61
CA ARG A 118 11.53 10.29 -1.43
C ARG A 118 12.04 11.56 -0.75
N ASP A 119 12.58 12.49 -1.54
CA ASP A 119 13.15 13.72 -0.98
C ASP A 119 12.10 14.56 -0.24
N PHE A 120 10.88 14.58 -0.76
CA PHE A 120 9.77 15.27 -0.11
C PHE A 120 9.36 14.55 1.17
N LEU A 121 9.33 13.21 1.12
CA LEU A 121 9.02 12.38 2.28
C LEU A 121 10.04 12.55 3.42
N LEU A 122 11.32 12.62 3.04
CA LEU A 122 12.43 12.66 3.99
C LEU A 122 12.71 14.04 4.57
N ASP A 123 12.17 15.08 3.95
CA ASP A 123 12.36 16.45 4.40
C ASP A 123 11.50 16.71 5.64
N GLU A 124 12.18 16.86 6.78
CA GLU A 124 11.53 17.04 8.09
C GLU A 124 10.50 18.19 8.08
N ALA A 125 10.74 19.19 7.24
CA ALA A 125 9.85 20.34 7.13
C ALA A 125 8.41 19.95 6.75
N ASN A 126 8.25 18.78 6.14
CA ASN A 126 6.95 18.34 5.64
C ASN A 126 6.11 17.56 6.65
N GLY A 127 6.73 17.15 7.74
CA GLY A 127 6.04 16.48 8.85
C GLY A 127 5.38 15.16 8.53
N LEU A 128 5.99 14.39 7.64
CA LEU A 128 5.40 13.11 7.23
C LEU A 128 6.10 11.92 7.89
N LEU A 129 7.18 12.22 8.61
CA LEU A 129 7.91 11.24 9.39
C LEU A 129 8.08 11.67 10.85
N PRO A 130 6.96 11.88 11.58
CA PRO A 130 7.08 12.30 12.98
C PRO A 130 7.79 11.23 13.81
N ASP A 131 8.81 11.64 14.56
CA ASP A 131 9.69 10.72 15.31
C ASP A 131 10.34 9.68 14.40
N ASP A 132 10.57 10.07 13.14
CA ASP A 132 11.09 9.18 12.08
C ASP A 132 10.23 7.93 11.81
N LYS A 133 8.92 8.06 11.97
CA LYS A 133 8.00 6.95 11.67
C LYS A 133 7.14 7.28 10.46
N LEU A 134 7.12 6.36 9.50
CA LEU A 134 6.18 6.47 8.37
C LEU A 134 4.93 5.67 8.67
N THR A 135 3.78 6.33 8.68
CA THR A 135 2.50 5.63 8.86
C THR A 135 1.70 5.66 7.56
N LEU A 136 1.58 4.48 6.94
CA LEU A 136 0.82 4.32 5.71
C LEU A 136 -0.60 3.85 6.04
N PHE A 137 -1.54 4.24 5.20
CA PHE A 137 -2.96 3.96 5.41
C PHE A 137 -3.55 3.48 4.09
N CYS A 138 -4.13 2.28 4.10
CA CYS A 138 -4.73 1.67 2.89
C CYS A 138 -6.19 1.33 3.13
N GLU A 139 -7.07 1.98 2.38
CA GLU A 139 -8.51 1.71 2.47
C GLU A 139 -8.94 0.93 1.24
N VAL A 140 -9.52 -0.24 1.45
CA VAL A 140 -9.91 -1.14 0.37
C VAL A 140 -11.42 -1.31 0.30
N SER A 141 -11.96 -1.35 -0.92
CA SER A 141 -13.37 -1.71 -1.13
C SER A 141 -13.47 -2.83 -2.16
N VAL A 142 -14.01 -3.96 -1.73
CA VAL A 142 -14.07 -5.15 -2.57
C VAL A 142 -15.39 -5.20 -3.30
N VAL A 143 -15.32 -5.14 -4.63
CA VAL A 143 -16.50 -5.17 -5.51
C VAL A 143 -17.01 -6.59 -5.67
N GLN A 144 -16.11 -7.55 -5.92
CA GLN A 144 -16.51 -8.94 -6.09
C GLN A 144 -15.50 -9.93 -5.50
N ASP A 145 -16.02 -11.00 -4.91
CA ASP A 145 -15.23 -12.00 -4.20
C ASP A 145 -14.83 -13.17 -5.13
N PRO B 4 -4.66 8.90 -11.28
CA PRO B 4 -3.34 8.30 -11.08
C PRO B 4 -3.28 6.88 -11.65
N GLU B 5 -2.18 6.57 -12.36
CA GLU B 5 -2.02 5.30 -13.06
C GLU B 5 -1.59 4.17 -12.12
N ALA B 6 -2.50 3.22 -11.90
CA ALA B 6 -2.19 2.02 -11.12
C ALA B 6 -1.38 1.04 -11.96
N SER B 7 -0.50 0.28 -11.31
CA SER B 7 0.30 -0.74 -11.96
C SER B 7 0.62 -1.87 -10.98
N SER B 8 1.03 -3.02 -11.53
CA SER B 8 1.44 -4.18 -10.75
C SER B 8 2.96 -4.30 -10.74
N SER B 9 3.51 -4.85 -9.67
CA SER B 9 4.95 -5.00 -9.54
C SER B 9 5.48 -6.32 -10.11
N THR B 10 4.62 -7.02 -10.87
CA THR B 10 5.03 -8.16 -11.69
C THR B 10 4.36 -8.09 -13.08
#